data_7VQ6
#
_entry.id   7VQ6
#
_cell.length_a   58.255
_cell.length_b   49.507
_cell.length_c   58.413
_cell.angle_alpha   90.000
_cell.angle_beta   99.380
_cell.angle_gamma   90.000
#
_symmetry.space_group_name_H-M   'P 1 21 1'
#
loop_
_entity.id
_entity.type
_entity.pdbx_description
1 polymer 'Lactoylglutathione lyase'
2 non-polymer 'NICKEL (II) ION'
3 water water
#
_entity_poly.entity_id   1
_entity_poly.type   'polypeptide(L)'
_entity_poly.pdbx_seq_one_letter_code
;GAGAGAGAGAGMGSMDSKESPANNPGLHTPPDEATKGYIMQQTMFRIKDPKRTLEFYSRVLGMSLLNKVDVPYMKMTLYM
MGYEDVSSAPSDPVEKTIWTFGRPATMELTHFWGTENDPEFKGYHNGNSEPIGFGHIGITVDDMYKACERFESLGVEFVK
KPSDGYTFIKDPDGYWIEIFDLNGIRAIVNTL
;
_entity_poly.pdbx_strand_id   A,B
#
# COMPACT_ATOMS: atom_id res chain seq x y z
N SER A 17 5.97 26.18 -3.39
CA SER A 17 6.14 25.15 -2.36
C SER A 17 7.32 24.20 -2.65
N LYS A 18 7.67 23.48 -1.60
CA LYS A 18 8.77 22.48 -1.71
C LYS A 18 8.33 21.28 -2.53
N GLU A 19 7.04 21.20 -2.89
CA GLU A 19 6.58 20.17 -3.85
C GLU A 19 6.54 20.66 -5.29
N SER A 20 7.01 21.87 -5.58
CA SER A 20 6.93 22.41 -6.94
C SER A 20 7.79 21.63 -7.91
N PRO A 21 7.43 21.62 -9.20
CA PRO A 21 8.31 21.00 -10.18
C PRO A 21 9.70 21.68 -10.22
N ALA A 22 9.80 22.99 -10.01
CA ALA A 22 11.13 23.64 -10.02
C ALA A 22 12.04 23.08 -8.93
N ASN A 23 11.47 22.67 -7.79
CA ASN A 23 12.20 22.12 -6.62
C ASN A 23 12.35 20.59 -6.72
N ASN A 24 11.84 19.96 -7.79
CA ASN A 24 11.79 18.47 -7.84
C ASN A 24 11.96 17.99 -9.28
N PRO A 25 13.26 17.92 -9.73
CA PRO A 25 13.56 17.38 -11.05
C PRO A 25 12.82 16.05 -11.26
N GLY A 26 12.21 15.85 -12.43
CA GLY A 26 11.45 14.68 -12.80
C GLY A 26 9.97 14.81 -12.54
N LEU A 27 9.51 15.72 -11.69
CA LEU A 27 8.06 15.85 -11.39
C LEU A 27 7.32 16.38 -12.59
N HIS A 28 6.27 15.68 -13.03
CA HIS A 28 5.45 15.98 -14.22
C HIS A 28 4.08 16.32 -13.64
N THR A 29 3.69 17.58 -13.57
CA THR A 29 2.42 17.98 -12.93
C THR A 29 1.83 19.12 -13.74
N PRO A 30 0.50 19.26 -13.87
CA PRO A 30 -0.51 18.31 -13.41
C PRO A 30 -0.53 17.00 -14.20
N PRO A 31 -1.41 16.07 -13.83
CA PRO A 31 -1.43 14.79 -14.51
C PRO A 31 -1.87 14.84 -15.97
N ASP A 32 -1.42 13.87 -16.74
CA ASP A 32 -1.89 13.72 -18.11
C ASP A 32 -3.38 13.38 -18.09
N GLU A 33 -4.18 13.86 -19.04
CA GLU A 33 -5.63 13.58 -19.11
C GLU A 33 -5.84 12.08 -19.12
N ALA A 34 -5.03 11.31 -19.80
CA ALA A 34 -5.28 9.86 -19.97
C ALA A 34 -5.32 9.19 -18.60
N THR A 35 -4.72 9.76 -17.56
CA THR A 35 -4.64 9.17 -16.22
C THR A 35 -5.79 9.57 -15.33
N LYS A 36 -6.75 10.33 -15.88
CA LYS A 36 -7.92 10.82 -15.14
C LYS A 36 -8.64 9.65 -14.49
N GLY A 37 -8.87 9.71 -13.18
CA GLY A 37 -9.68 8.64 -12.60
C GLY A 37 -8.88 7.37 -12.33
N TYR A 38 -7.61 7.24 -12.69
CA TYR A 38 -6.78 6.14 -12.15
C TYR A 38 -6.89 6.17 -10.63
N ILE A 39 -6.93 5.01 -10.06
CA ILE A 39 -6.88 4.84 -8.59
C ILE A 39 -5.78 3.89 -8.16
N MET A 40 -5.24 4.17 -6.98
CA MET A 40 -4.27 3.28 -6.31
C MET A 40 -5.09 2.23 -5.55
N GLN A 41 -5.30 1.11 -6.18
CA GLN A 41 -6.37 0.19 -5.76
C GLN A 41 -5.86 -0.79 -4.70
N GLN A 42 -4.63 -1.30 -4.80
CA GLN A 42 -4.19 -2.43 -3.94
C GLN A 42 -2.71 -2.39 -3.68
N THR A 43 -2.39 -3.02 -2.56
CA THR A 43 -1.03 -3.40 -2.12
C THR A 43 -1.08 -4.91 -1.89
N MET A 44 -0.22 -5.70 -2.55
CA MET A 44 -0.32 -7.16 -2.50
C MET A 44 0.83 -7.73 -1.67
N PHE A 45 0.44 -8.53 -0.68
CA PHE A 45 1.39 -9.30 0.15
C PHE A 45 1.11 -10.80 0.01
N ARG A 46 2.17 -11.60 -0.09
CA ARG A 46 2.01 -13.08 0.05
C ARG A 46 1.88 -13.42 1.53
N ILE A 47 0.89 -14.24 1.84
CA ILE A 47 0.63 -14.59 3.26
C ILE A 47 0.60 -16.13 3.46
N LYS A 48 1.17 -16.56 4.55
CA LYS A 48 1.33 -18.02 4.82
C LYS A 48 -0.02 -18.70 5.18
N ASP A 49 -0.82 -18.09 6.00
CA ASP A 49 -1.96 -18.77 6.65
C ASP A 49 -3.15 -17.82 6.64
N PRO A 50 -4.22 -18.10 5.88
CA PRO A 50 -5.32 -17.13 5.76
C PRO A 50 -6.05 -16.91 7.08
N LYS A 51 -6.10 -17.93 7.97
CA LYS A 51 -6.86 -17.75 9.21
C LYS A 51 -6.13 -16.71 10.07
N ARG A 52 -4.83 -16.79 10.18
CA ARG A 52 -4.06 -15.83 10.97
C ARG A 52 -4.13 -14.46 10.34
N THR A 53 -3.99 -14.41 9.01
CA THR A 53 -4.02 -13.11 8.33
C THR A 53 -5.42 -12.49 8.41
N LEU A 54 -6.47 -13.26 8.15
CA LEU A 54 -7.81 -12.68 8.34
C LEU A 54 -8.00 -12.15 9.74
N GLU A 55 -7.56 -12.86 10.77
N GLU A 55 -7.59 -12.91 10.76
CA GLU A 55 -7.81 -12.37 12.14
CA GLU A 55 -7.71 -12.49 12.19
C GLU A 55 -7.03 -11.06 12.39
C GLU A 55 -7.05 -11.10 12.32
N PHE A 56 -5.77 -11.00 11.97
CA PHE A 56 -4.99 -9.79 12.18
C PHE A 56 -5.67 -8.63 11.45
N TYR A 57 -5.93 -8.74 10.15
CA TYR A 57 -6.38 -7.55 9.40
C TYR A 57 -7.80 -7.19 9.82
N SER A 58 -8.61 -8.14 10.22
CA SER A 58 -10.03 -7.86 10.57
C SER A 58 -10.15 -7.52 12.05
N ARG A 59 -9.62 -8.33 12.94
N ARG A 59 -9.59 -8.30 12.96
CA ARG A 59 -9.75 -8.00 14.37
CA ARG A 59 -9.78 -8.07 14.42
C ARG A 59 -8.81 -6.85 14.72
C ARG A 59 -8.79 -7.00 14.92
N VAL A 60 -7.49 -7.07 14.56
CA VAL A 60 -6.52 -6.07 15.02
C VAL A 60 -6.73 -4.75 14.28
N LEU A 61 -6.71 -4.76 12.94
CA LEU A 61 -6.76 -3.49 12.19
C LEU A 61 -8.17 -2.98 11.93
N GLY A 62 -9.16 -3.83 11.98
CA GLY A 62 -10.54 -3.40 11.67
C GLY A 62 -10.86 -3.29 10.20
N MET A 63 -10.14 -4.01 9.35
CA MET A 63 -10.50 -4.08 7.95
C MET A 63 -11.63 -5.12 7.77
N SER A 64 -12.33 -4.98 6.65
CA SER A 64 -13.36 -5.93 6.21
C SER A 64 -12.85 -6.79 5.07
N LEU A 65 -13.45 -7.94 4.89
CA LEU A 65 -13.20 -8.81 3.75
C LEU A 65 -14.09 -8.37 2.61
N LEU A 66 -13.51 -7.62 1.66
CA LEU A 66 -14.26 -7.10 0.50
C LEU A 66 -14.50 -8.21 -0.49
N ASN A 67 -13.57 -9.12 -0.67
CA ASN A 67 -13.75 -10.13 -1.70
C ASN A 67 -12.80 -11.28 -1.43
N LYS A 68 -13.27 -12.49 -1.68
CA LYS A 68 -12.41 -13.68 -1.68
C LYS A 68 -12.47 -14.30 -3.05
N VAL A 69 -11.35 -14.48 -3.70
CA VAL A 69 -11.30 -15.01 -5.08
C VAL A 69 -10.42 -16.26 -5.03
N ASP A 70 -11.00 -17.43 -5.16
CA ASP A 70 -10.28 -18.72 -5.32
C ASP A 70 -9.85 -18.86 -6.78
N VAL A 71 -8.58 -19.13 -7.00
CA VAL A 71 -8.04 -19.38 -8.34
C VAL A 71 -7.43 -20.78 -8.39
N PRO A 72 -8.29 -21.80 -8.54
CA PRO A 72 -7.89 -23.20 -8.38
C PRO A 72 -6.76 -23.66 -9.32
N TYR A 73 -6.65 -23.09 -10.52
CA TYR A 73 -5.59 -23.52 -11.49
C TYR A 73 -4.23 -22.92 -11.09
N MET A 74 -4.22 -21.95 -10.18
CA MET A 74 -2.97 -21.35 -9.64
C MET A 74 -2.79 -21.80 -8.18
N LYS A 75 -3.69 -22.63 -7.68
CA LYS A 75 -3.67 -23.14 -6.28
C LYS A 75 -3.47 -21.96 -5.33
N MET A 76 -4.31 -20.95 -5.45
CA MET A 76 -4.17 -19.75 -4.59
C MET A 76 -5.54 -19.13 -4.38
N THR A 77 -5.64 -18.39 -3.30
CA THR A 77 -6.80 -17.59 -2.93
C THR A 77 -6.35 -16.16 -2.67
N LEU A 78 -7.08 -15.24 -3.23
CA LEU A 78 -6.89 -13.81 -3.01
C LEU A 78 -7.91 -13.32 -1.98
N TYR A 79 -7.43 -12.69 -0.92
CA TYR A 79 -8.28 -12.06 0.12
C TYR A 79 -8.14 -10.54 -0.05
N MET A 80 -9.18 -9.85 -0.52
CA MET A 80 -9.12 -8.39 -0.68
C MET A 80 -9.73 -7.76 0.55
N MET A 81 -8.99 -6.89 1.20
CA MET A 81 -9.48 -6.38 2.49
C MET A 81 -9.24 -4.88 2.49
N GLY A 82 -10.10 -4.17 3.19
CA GLY A 82 -9.94 -2.73 3.36
C GLY A 82 -10.96 -2.16 4.29
N TYR A 83 -10.84 -0.87 4.50
CA TYR A 83 -11.78 -0.13 5.34
C TYR A 83 -13.01 0.26 4.54
N GLU A 84 -14.02 -0.58 4.62
CA GLU A 84 -15.31 -0.31 3.95
C GLU A 84 -16.44 -0.95 4.72
N ASP A 85 -17.61 -0.37 4.55
CA ASP A 85 -18.87 -0.98 5.05
C ASP A 85 -19.28 -1.99 4.02
N VAL A 86 -18.93 -3.26 4.18
CA VAL A 86 -19.24 -4.28 3.14
C VAL A 86 -20.72 -4.58 3.11
N SER A 87 -21.49 -4.20 4.11
CA SER A 87 -22.96 -4.28 4.03
C SER A 87 -23.50 -3.36 2.93
N SER A 88 -22.75 -2.33 2.55
CA SER A 88 -23.20 -1.43 1.47
C SER A 88 -22.86 -2.00 0.10
N ALA A 89 -22.09 -3.08 0.02
CA ALA A 89 -21.60 -3.56 -1.28
C ALA A 89 -22.68 -4.34 -2.02
N PRO A 90 -22.57 -4.48 -3.35
CA PRO A 90 -23.49 -5.36 -4.08
C PRO A 90 -23.58 -6.79 -3.54
N SER A 91 -24.79 -7.37 -3.60
CA SER A 91 -25.05 -8.76 -3.21
C SER A 91 -24.64 -9.72 -4.32
N ASP A 92 -24.80 -9.30 -5.56
CA ASP A 92 -24.42 -10.10 -6.73
C ASP A 92 -22.91 -10.35 -6.64
N PRO A 93 -22.43 -11.60 -6.58
CA PRO A 93 -20.99 -11.81 -6.38
C PRO A 93 -20.11 -11.19 -7.49
N VAL A 94 -20.54 -11.22 -8.73
CA VAL A 94 -19.72 -10.60 -9.81
C VAL A 94 -19.65 -9.09 -9.55
N GLU A 95 -20.77 -8.43 -9.26
CA GLU A 95 -20.81 -6.98 -9.04
C GLU A 95 -20.02 -6.63 -7.77
N LYS A 96 -20.00 -7.53 -6.80
CA LYS A 96 -19.26 -7.26 -5.54
C LYS A 96 -17.76 -7.25 -5.84
N THR A 97 -17.32 -8.16 -6.68
CA THR A 97 -15.90 -8.17 -7.10
C THR A 97 -15.59 -6.86 -7.83
N ILE A 98 -16.44 -6.47 -8.77
CA ILE A 98 -16.18 -5.24 -9.53
C ILE A 98 -16.15 -4.06 -8.57
N TRP A 99 -17.11 -3.93 -7.66
CA TRP A 99 -17.09 -2.89 -6.60
C TRP A 99 -15.73 -2.89 -5.89
N THR A 100 -15.22 -4.07 -5.52
CA THR A 100 -13.96 -4.17 -4.74
C THR A 100 -12.86 -3.47 -5.51
N PHE A 101 -12.80 -3.71 -6.80
CA PHE A 101 -11.70 -3.25 -7.69
C PHE A 101 -11.92 -1.79 -8.06
N GLY A 102 -13.00 -1.12 -7.65
CA GLY A 102 -13.11 0.32 -7.74
C GLY A 102 -12.83 1.01 -6.42
N ARG A 103 -12.44 0.29 -5.37
CA ARG A 103 -12.13 0.95 -4.08
CA ARG A 103 -12.13 0.90 -4.05
C ARG A 103 -10.65 1.22 -3.98
N PRO A 104 -10.22 2.42 -3.69
CA PRO A 104 -8.83 2.65 -3.34
C PRO A 104 -8.40 1.99 -2.05
N ALA A 105 -7.12 1.78 -1.87
CA ALA A 105 -6.51 1.56 -0.56
C ALA A 105 -6.84 0.20 0.00
N THR A 106 -6.95 -0.81 -0.87
CA THR A 106 -7.15 -2.19 -0.43
C THR A 106 -5.83 -2.95 -0.26
N MET A 107 -5.93 -4.04 0.49
CA MET A 107 -4.88 -5.08 0.56
C MET A 107 -5.31 -6.31 -0.24
N GLU A 108 -4.43 -6.80 -1.05
CA GLU A 108 -4.58 -8.11 -1.72
C GLU A 108 -3.63 -9.07 -0.99
N LEU A 109 -4.19 -10.01 -0.25
CA LEU A 109 -3.45 -10.91 0.63
C LEU A 109 -3.52 -12.26 -0.06
N THR A 110 -2.41 -12.72 -0.59
CA THR A 110 -2.35 -13.88 -1.52
C THR A 110 -1.87 -15.12 -0.77
N HIS A 111 -2.77 -16.09 -0.70
CA HIS A 111 -2.52 -17.40 -0.04
C HIS A 111 -2.26 -18.46 -1.10
N PHE A 112 -1.02 -18.95 -1.16
CA PHE A 112 -0.65 -20.12 -1.99
C PHE A 112 -0.91 -21.39 -1.18
N TRP A 113 -1.88 -22.19 -1.63
CA TRP A 113 -2.36 -23.37 -0.88
C TRP A 113 -1.20 -24.25 -0.45
N GLY A 114 -1.19 -24.53 0.84
CA GLY A 114 -0.22 -25.48 1.42
C GLY A 114 0.86 -24.82 2.25
N THR A 115 1.12 -23.52 2.05
CA THR A 115 2.14 -22.89 2.87
C THR A 115 1.77 -22.96 4.38
N GLU A 116 0.50 -23.05 4.71
CA GLU A 116 0.07 -23.01 6.13
C GLU A 116 0.42 -24.32 6.87
N ASN A 117 0.73 -25.39 6.13
CA ASN A 117 1.07 -26.75 6.70
C ASN A 117 2.49 -27.22 6.37
N ASP A 118 3.13 -26.68 5.34
CA ASP A 118 4.40 -27.22 4.81
C ASP A 118 5.46 -27.09 5.89
N PRO A 119 6.05 -28.21 6.40
CA PRO A 119 6.98 -28.06 7.51
C PRO A 119 8.30 -27.35 7.18
N GLU A 120 8.49 -27.23 5.78
CA GLU A 120 9.78 -26.60 5.47
C GLU A 120 9.58 -25.16 5.00
N PHE A 121 8.35 -24.64 5.11
CA PHE A 121 8.06 -23.26 4.64
C PHE A 121 8.99 -22.29 5.38
N LYS A 122 9.71 -21.50 4.59
CA LYS A 122 10.78 -20.63 5.17
C LYS A 122 10.28 -19.27 5.59
N GLY A 123 9.03 -18.93 5.27
CA GLY A 123 8.49 -17.60 5.60
C GLY A 123 8.60 -16.70 4.41
N TYR A 124 7.83 -15.64 4.43
CA TYR A 124 7.90 -14.55 3.43
C TYR A 124 8.82 -13.45 3.91
N HIS A 125 9.49 -12.80 2.98
CA HIS A 125 10.47 -11.72 3.27
C HIS A 125 9.80 -10.36 3.35
N ASN A 126 10.01 -9.63 4.42
CA ASN A 126 9.21 -8.39 4.63
C ASN A 126 9.88 -7.16 4.05
N GLY A 127 11.06 -7.26 3.43
CA GLY A 127 11.73 -6.12 2.79
C GLY A 127 12.65 -5.33 3.70
N ASN A 128 12.65 -5.57 5.03
CA ASN A 128 13.37 -4.70 5.98
C ASN A 128 14.61 -5.35 6.54
N SER A 129 14.98 -6.50 6.02
CA SER A 129 16.33 -7.05 6.23
C SER A 129 16.88 -7.41 4.87
N GLU A 130 18.18 -7.62 4.75
N GLU A 130 18.17 -7.72 4.80
CA GLU A 130 18.79 -7.75 3.42
CA GLU A 130 18.87 -7.98 3.52
C GLU A 130 18.22 -9.02 2.77
C GLU A 130 18.11 -9.10 2.79
N PRO A 131 17.82 -8.97 1.48
CA PRO A 131 17.99 -7.77 0.68
C PRO A 131 16.78 -6.82 0.87
N ILE A 132 17.09 -5.58 1.21
CA ILE A 132 15.99 -4.61 1.55
C ILE A 132 15.30 -4.11 0.28
N GLY A 133 14.06 -3.64 0.46
CA GLY A 133 13.32 -3.04 -0.66
C GLY A 133 12.03 -2.49 -0.14
N PHE A 134 10.97 -3.26 -0.25
CA PHE A 134 9.68 -2.89 0.34
C PHE A 134 9.83 -2.51 1.82
N GLY A 135 9.13 -1.44 2.23
CA GLY A 135 9.14 -1.03 3.62
C GLY A 135 7.93 -1.54 4.42
N HIS A 136 6.80 -0.96 4.16
CA HIS A 136 5.66 -1.11 5.06
C HIS A 136 4.39 -0.59 4.43
N ILE A 137 3.23 -0.94 4.98
CA ILE A 137 2.05 -0.09 4.83
C ILE A 137 1.90 0.74 6.09
N GLY A 138 1.05 1.74 6.08
CA GLY A 138 0.86 2.62 7.21
C GLY A 138 -0.57 2.98 7.35
N ILE A 139 -1.01 3.03 8.61
CA ILE A 139 -2.41 3.28 9.02
C ILE A 139 -2.47 4.53 9.89
N THR A 140 -3.32 5.45 9.46
CA THR A 140 -3.56 6.64 10.30
C THR A 140 -4.64 6.22 11.28
N VAL A 141 -4.34 6.34 12.58
CA VAL A 141 -5.32 6.05 13.67
C VAL A 141 -5.76 7.38 14.32
N ASP A 142 -6.77 7.24 15.17
CA ASP A 142 -7.32 8.39 15.91
C ASP A 142 -6.30 8.87 16.94
N ASP A 143 -5.63 7.96 17.63
CA ASP A 143 -4.81 8.30 18.81
C ASP A 143 -3.81 7.17 18.97
N MET A 144 -2.54 7.42 18.71
N MET A 144 -2.55 7.47 18.78
CA MET A 144 -1.49 6.36 18.66
CA MET A 144 -1.53 6.41 18.62
C MET A 144 -1.47 5.64 20.01
C MET A 144 -1.33 5.69 19.97
N TYR A 145 -1.53 6.38 21.11
CA TYR A 145 -1.29 5.78 22.44
C TYR A 145 -2.48 4.87 22.74
N LYS A 146 -3.68 5.33 22.45
N LYS A 146 -3.72 5.31 22.52
CA LYS A 146 -4.92 4.54 22.58
CA LYS A 146 -4.91 4.43 22.66
C LYS A 146 -4.87 3.28 21.69
C LYS A 146 -4.76 3.22 21.72
N ALA A 147 -4.44 3.44 20.44
CA ALA A 147 -4.33 2.33 19.50
C ALA A 147 -3.33 1.29 19.99
N CYS A 148 -2.19 1.75 20.47
CA CYS A 148 -1.13 0.85 20.92
C CYS A 148 -1.54 0.09 22.20
N GLU A 149 -2.27 0.71 23.10
CA GLU A 149 -2.77 0.03 24.32
C GLU A 149 -3.69 -1.08 23.83
N ARG A 150 -4.50 -0.81 22.84
CA ARG A 150 -5.43 -1.84 22.36
C ARG A 150 -4.65 -2.93 21.64
N PHE A 151 -3.67 -2.59 20.82
CA PHE A 151 -2.83 -3.61 20.14
C PHE A 151 -2.15 -4.52 21.16
N GLU A 152 -1.63 -3.91 22.22
N GLU A 152 -1.66 -3.94 22.24
CA GLU A 152 -1.00 -4.65 23.34
CA GLU A 152 -0.95 -4.74 23.25
C GLU A 152 -2.00 -5.70 23.84
C GLU A 152 -1.96 -5.64 23.97
N SER A 153 -3.22 -5.23 24.12
CA SER A 153 -4.31 -6.09 24.70
C SER A 153 -4.59 -7.29 23.79
N LEU A 154 -4.31 -7.19 22.49
CA LEU A 154 -4.54 -8.24 21.48
C LEU A 154 -3.26 -9.05 21.19
N GLY A 155 -2.17 -8.82 21.92
CA GLY A 155 -0.91 -9.60 21.81
C GLY A 155 -0.14 -9.30 20.52
N VAL A 156 -0.29 -8.09 20.00
CA VAL A 156 0.41 -7.64 18.76
C VAL A 156 1.91 -7.44 19.02
N GLU A 157 2.71 -7.87 18.07
CA GLU A 157 4.16 -7.69 18.15
C GLU A 157 4.54 -6.31 17.59
N PHE A 158 5.40 -5.64 18.32
CA PHE A 158 5.91 -4.30 17.95
C PHE A 158 7.33 -4.36 17.39
N VAL A 159 7.61 -3.59 16.36
CA VAL A 159 8.96 -3.42 15.77
C VAL A 159 9.77 -2.37 16.53
N LYS A 160 9.13 -1.31 16.98
CA LYS A 160 9.80 -0.19 17.70
C LYS A 160 8.88 0.43 18.75
N LYS A 161 9.46 1.17 19.66
CA LYS A 161 8.67 1.85 20.72
C LYS A 161 7.73 2.85 20.07
N PRO A 162 6.53 3.03 20.67
CA PRO A 162 5.64 4.13 20.35
C PRO A 162 6.29 5.37 20.95
N SER A 163 6.97 6.13 20.11
CA SER A 163 7.73 7.31 20.54
C SER A 163 8.09 8.08 19.29
N ASP A 164 8.33 9.37 19.45
CA ASP A 164 8.74 10.24 18.33
C ASP A 164 7.61 10.23 17.30
N GLY A 165 6.38 9.90 17.73
CA GLY A 165 5.13 10.08 16.94
C GLY A 165 4.82 8.94 15.95
N TYR A 166 5.39 7.74 16.05
CA TYR A 166 5.07 6.64 15.11
C TYR A 166 5.54 5.33 15.74
N THR A 167 4.98 4.24 15.30
CA THR A 167 5.54 2.89 15.62
C THR A 167 5.29 1.98 14.43
N PHE A 168 5.85 0.78 14.46
CA PHE A 168 5.46 -0.28 13.52
C PHE A 168 5.01 -1.48 14.33
N ILE A 169 3.95 -2.12 13.87
CA ILE A 169 3.59 -3.45 14.39
C ILE A 169 3.84 -4.43 13.25
N LYS A 170 3.85 -5.68 13.55
CA LYS A 170 4.08 -6.77 12.57
C LYS A 170 2.78 -7.52 12.35
N ASP A 171 2.51 -7.84 11.08
CA ASP A 171 1.41 -8.74 10.73
C ASP A 171 1.87 -10.17 10.93
N PRO A 172 0.99 -11.17 10.75
CA PRO A 172 1.38 -12.56 11.04
C PRO A 172 2.61 -13.09 10.25
N ASP A 173 2.82 -12.57 9.07
CA ASP A 173 3.96 -12.92 8.22
C ASP A 173 5.17 -12.07 8.51
N GLY A 174 5.08 -11.07 9.38
CA GLY A 174 6.20 -10.20 9.63
C GLY A 174 6.19 -8.92 8.85
N TYR A 175 5.20 -8.67 7.99
CA TYR A 175 5.22 -7.38 7.28
C TYR A 175 5.04 -6.24 8.30
N TRP A 176 5.70 -5.13 8.05
CA TRP A 176 5.63 -3.96 8.97
C TRP A 176 4.43 -3.12 8.60
N ILE A 177 3.78 -2.60 9.61
N ILE A 177 3.67 -2.78 9.63
CA ILE A 177 2.57 -1.76 9.46
CA ILE A 177 2.49 -1.87 9.61
C ILE A 177 2.75 -0.59 10.38
C ILE A 177 2.89 -0.61 10.43
N GLU A 178 3.09 0.56 9.81
CA GLU A 178 3.29 1.79 10.57
C GLU A 178 1.96 2.26 11.13
N ILE A 179 2.06 2.83 12.31
CA ILE A 179 0.90 3.38 13.06
C ILE A 179 1.29 4.80 13.49
N PHE A 180 0.42 5.74 13.18
CA PHE A 180 0.62 7.15 13.60
C PHE A 180 -0.75 7.83 13.64
N ASP A 181 -0.78 8.90 14.41
CA ASP A 181 -1.96 9.79 14.42
C ASP A 181 -1.51 11.14 13.85
N LEU A 182 -2.48 11.99 13.56
CA LEU A 182 -2.10 13.28 12.95
C LEU A 182 -1.37 14.19 13.94
N ASN A 183 -1.62 14.07 15.23
CA ASN A 183 -0.91 14.89 16.25
C ASN A 183 0.55 14.46 16.28
N GLY A 184 0.82 13.16 16.13
CA GLY A 184 2.18 12.61 16.03
C GLY A 184 2.90 13.16 14.82
N ILE A 185 2.22 13.16 13.67
CA ILE A 185 2.81 13.74 12.44
C ILE A 185 3.13 15.22 12.65
N ARG A 186 2.20 15.96 13.20
CA ARG A 186 2.38 17.42 13.39
C ARG A 186 3.63 17.63 14.29
N ALA A 187 3.77 16.83 15.34
CA ALA A 187 4.90 16.98 16.28
C ALA A 187 6.19 16.72 15.49
N ILE A 188 6.29 15.62 14.73
CA ILE A 188 7.48 15.24 13.92
C ILE A 188 7.84 16.42 13.02
N VAL A 189 6.88 16.89 12.22
CA VAL A 189 7.05 17.98 11.22
C VAL A 189 7.53 19.25 11.92
N ASN A 190 7.01 19.55 13.08
CA ASN A 190 7.40 20.80 13.78
C ASN A 190 8.83 20.69 14.32
N THR A 191 9.57 19.59 14.09
CA THR A 191 11.01 19.44 14.48
C THR A 191 11.95 19.47 13.27
N SER B 17 -22.64 -15.41 1.72
CA SER B 17 -21.64 -15.10 0.67
C SER B 17 -20.30 -15.79 0.95
N LYS B 18 -19.50 -15.85 -0.09
CA LYS B 18 -18.17 -16.46 0.04
C LYS B 18 -17.24 -15.60 0.92
N GLU B 19 -17.61 -14.37 1.24
CA GLU B 19 -16.89 -13.49 2.21
C GLU B 19 -17.39 -13.60 3.64
N SER B 20 -18.32 -14.53 3.92
CA SER B 20 -18.93 -14.56 5.27
C SER B 20 -17.93 -15.12 6.29
N PRO B 21 -18.06 -14.76 7.58
CA PRO B 21 -17.23 -15.38 8.61
C PRO B 21 -17.37 -16.92 8.65
N ALA B 22 -18.57 -17.46 8.39
CA ALA B 22 -18.74 -18.92 8.42
C ALA B 22 -17.84 -19.58 7.38
N ASN B 23 -17.60 -18.92 6.23
CA ASN B 23 -16.78 -19.43 5.11
C ASN B 23 -15.29 -19.05 5.24
N ASN B 24 -14.93 -18.34 6.30
CA ASN B 24 -13.58 -17.73 6.40
C ASN B 24 -13.08 -17.74 7.83
N PRO B 25 -12.54 -18.87 8.30
CA PRO B 25 -11.99 -18.96 9.64
C PRO B 25 -11.04 -17.80 9.90
N GLY B 26 -11.19 -17.17 11.07
CA GLY B 26 -10.37 -16.06 11.50
C GLY B 26 -11.00 -14.72 11.21
N LEU B 27 -11.95 -14.64 10.30
CA LEU B 27 -12.56 -13.36 9.97
C LEU B 27 -13.39 -12.90 11.15
N HIS B 28 -13.09 -11.70 11.61
CA HIS B 28 -13.81 -11.03 12.71
C HIS B 28 -14.69 -9.92 12.20
N THR B 29 -15.97 -10.06 12.46
CA THR B 29 -16.97 -9.07 12.05
C THR B 29 -17.89 -8.88 13.26
N PRO B 30 -18.50 -7.69 13.42
CA PRO B 30 -18.14 -6.47 12.68
C PRO B 30 -16.79 -5.90 13.15
N PRO B 31 -16.18 -4.95 12.44
CA PRO B 31 -14.95 -4.35 12.91
C PRO B 31 -15.15 -3.75 14.31
N ASP B 32 -14.15 -3.82 15.17
CA ASP B 32 -14.29 -3.19 16.52
C ASP B 32 -14.48 -1.68 16.39
N GLU B 33 -15.29 -1.07 17.25
CA GLU B 33 -15.65 0.34 17.16
C GLU B 33 -14.40 1.18 17.31
N ALA B 34 -13.40 0.75 18.06
CA ALA B 34 -12.17 1.53 18.28
C ALA B 34 -11.43 1.75 16.95
N THR B 35 -11.59 0.86 15.99
CA THR B 35 -10.89 0.95 14.68
C THR B 35 -11.63 1.81 13.68
N LYS B 36 -12.87 2.21 13.90
CA LYS B 36 -13.69 2.89 12.86
C LYS B 36 -13.11 4.28 12.69
N GLY B 37 -12.74 4.58 11.47
CA GLY B 37 -12.06 5.85 11.16
C GLY B 37 -10.59 5.61 10.83
N TYR B 38 -10.02 4.47 11.14
CA TYR B 38 -8.67 4.11 10.65
C TYR B 38 -8.70 4.17 9.12
N ILE B 39 -7.57 4.57 8.54
CA ILE B 39 -7.41 4.54 7.07
C ILE B 39 -6.11 3.88 6.71
N MET B 40 -6.20 3.25 5.54
CA MET B 40 -4.99 2.66 4.95
C MET B 40 -4.32 3.80 4.17
N GLN B 41 -3.29 4.39 4.77
CA GLN B 41 -2.78 5.68 4.32
C GLN B 41 -1.67 5.54 3.33
N GLN B 42 -0.82 4.54 3.47
CA GLN B 42 0.38 4.53 2.61
C GLN B 42 0.94 3.13 2.42
N THR B 43 1.69 3.04 1.35
CA THR B 43 2.54 1.89 0.97
C THR B 43 3.94 2.46 0.71
N MET B 44 4.93 1.97 1.44
CA MET B 44 6.32 2.51 1.37
C MET B 44 7.26 1.61 0.57
N PHE B 45 7.94 2.24 -0.39
CA PHE B 45 9.02 1.61 -1.17
C PHE B 45 10.30 2.43 -1.00
N ARG B 46 11.41 1.74 -0.82
CA ARG B 46 12.72 2.43 -0.88
C ARG B 46 13.08 2.64 -2.37
N ILE B 47 13.54 3.84 -2.70
CA ILE B 47 13.81 4.20 -4.12
C ILE B 47 15.23 4.76 -4.27
N LYS B 48 15.89 4.40 -5.34
CA LYS B 48 17.31 4.79 -5.56
C LYS B 48 17.51 6.26 -5.96
N ASP B 49 16.66 6.73 -6.84
CA ASP B 49 16.88 8.03 -7.48
C ASP B 49 15.53 8.76 -7.56
N PRO B 50 15.37 9.90 -6.85
CA PRO B 50 14.07 10.55 -6.86
C PRO B 50 13.68 11.13 -8.22
N LYS B 51 14.68 11.51 -9.03
CA LYS B 51 14.36 12.08 -10.37
C LYS B 51 13.59 11.04 -11.22
N ARG B 52 14.10 9.84 -11.34
CA ARG B 52 13.47 8.78 -12.13
C ARG B 52 12.16 8.36 -11.46
N THR B 53 12.17 8.28 -10.13
CA THR B 53 10.94 7.87 -9.41
C THR B 53 9.83 8.88 -9.60
N LEU B 54 10.14 10.17 -9.41
CA LEU B 54 9.13 11.20 -9.60
C LEU B 54 8.57 11.10 -11.02
N GLU B 55 9.42 10.96 -12.02
CA GLU B 55 8.92 10.93 -13.41
C GLU B 55 7.97 9.73 -13.55
N PHE B 56 8.29 8.57 -12.99
CA PHE B 56 7.43 7.41 -13.19
C PHE B 56 6.08 7.59 -12.51
N TYR B 57 6.11 7.92 -11.20
CA TYR B 57 4.81 7.99 -10.52
C TYR B 57 3.96 9.17 -11.00
N SER B 58 4.59 10.31 -11.30
CA SER B 58 3.81 11.52 -11.73
C SER B 58 3.44 11.50 -13.21
N ARG B 59 4.39 11.19 -14.08
CA ARG B 59 4.12 11.20 -15.55
C ARG B 59 3.44 9.90 -16.00
N VAL B 60 4.03 8.74 -15.67
CA VAL B 60 3.48 7.46 -16.21
C VAL B 60 2.17 7.16 -15.50
N LEU B 61 2.16 7.24 -14.16
CA LEU B 61 0.95 6.81 -13.41
C LEU B 61 -0.02 7.99 -13.15
N GLY B 62 0.36 9.25 -13.28
CA GLY B 62 -0.58 10.34 -13.08
C GLY B 62 -0.76 10.72 -11.62
N MET B 63 0.08 10.25 -10.71
CA MET B 63 -0.02 10.68 -9.29
C MET B 63 0.57 12.07 -9.16
N SER B 64 0.23 12.73 -8.05
CA SER B 64 0.73 14.07 -7.71
C SER B 64 1.67 13.92 -6.53
N LEU B 65 2.57 14.90 -6.42
CA LEU B 65 3.49 14.97 -5.25
C LEU B 65 2.72 15.70 -4.16
N LEU B 66 2.16 14.94 -3.23
CA LEU B 66 1.36 15.48 -2.11
C LEU B 66 2.28 16.16 -1.11
N ASN B 67 3.46 15.58 -0.90
CA ASN B 67 4.34 16.14 0.14
C ASN B 67 5.74 15.61 -0.01
N LYS B 68 6.71 16.51 0.12
CA LYS B 68 8.12 16.12 0.23
C LYS B 68 8.62 16.42 1.60
N VAL B 69 9.06 15.44 2.35
CA VAL B 69 9.52 15.61 3.73
C VAL B 69 11.00 15.23 3.75
N ASP B 70 11.87 16.21 3.78
CA ASP B 70 13.30 16.02 4.06
C ASP B 70 13.49 15.73 5.54
N VAL B 71 14.26 14.68 5.83
CA VAL B 71 14.59 14.32 7.24
C VAL B 71 16.10 14.28 7.39
N PRO B 72 16.70 15.47 7.54
CA PRO B 72 18.16 15.52 7.47
C PRO B 72 18.92 14.62 8.45
N TYR B 73 18.39 14.52 9.67
CA TYR B 73 19.05 13.72 10.71
C TYR B 73 19.07 12.24 10.35
N MET B 74 18.21 11.81 9.42
N MET B 74 18.23 11.82 9.40
CA MET B 74 18.13 10.43 8.89
CA MET B 74 18.14 10.43 8.88
C MET B 74 18.71 10.36 7.48
C MET B 74 18.72 10.35 7.47
N LYS B 75 19.20 11.46 6.90
CA LYS B 75 19.77 11.46 5.53
C LYS B 75 18.79 10.78 4.57
N MET B 76 17.55 11.27 4.56
CA MET B 76 16.56 10.66 3.68
C MET B 76 15.51 11.71 3.40
N THR B 77 14.77 11.47 2.31
CA THR B 77 13.64 12.30 1.92
C THR B 77 12.46 11.42 1.56
N LEU B 78 11.29 11.72 2.08
CA LEU B 78 10.03 11.00 1.81
C LEU B 78 9.26 11.75 0.75
N TYR B 79 8.96 11.08 -0.33
CA TYR B 79 8.07 11.63 -1.35
C TYR B 79 6.72 10.97 -1.25
N MET B 80 5.72 11.70 -0.78
CA MET B 80 4.34 11.20 -0.63
C MET B 80 3.58 11.50 -1.92
N MET B 81 3.14 10.45 -2.61
N MET B 81 3.12 10.49 -2.60
CA MET B 81 2.51 10.53 -3.95
CA MET B 81 2.44 10.75 -3.88
C MET B 81 1.05 10.01 -3.83
C MET B 81 1.10 9.99 -3.90
N GLY B 82 0.15 10.49 -4.66
CA GLY B 82 -1.16 9.89 -4.75
C GLY B 82 -2.05 10.61 -5.71
N TYR B 83 -3.24 10.10 -5.88
CA TYR B 83 -4.21 10.62 -6.83
C TYR B 83 -5.03 11.65 -6.08
N GLU B 84 -4.56 12.88 -6.07
CA GLU B 84 -5.27 14.05 -5.48
C GLU B 84 -4.98 15.29 -6.28
N ASP B 85 -5.88 16.27 -6.15
CA ASP B 85 -5.72 17.58 -6.79
C ASP B 85 -4.90 18.44 -5.85
N VAL B 86 -3.60 18.57 -6.07
CA VAL B 86 -2.76 19.40 -5.17
C VAL B 86 -2.95 20.92 -5.43
N SER B 87 -3.62 21.32 -6.50
CA SER B 87 -3.90 22.77 -6.69
C SER B 87 -4.83 23.24 -5.61
N SER B 88 -5.62 22.39 -4.99
CA SER B 88 -6.56 22.77 -3.91
C SER B 88 -6.09 22.26 -2.54
N ALA B 89 -4.87 21.77 -2.41
CA ALA B 89 -4.29 21.37 -1.11
C ALA B 89 -4.04 22.62 -0.28
N PRO B 90 -3.88 22.48 1.05
CA PRO B 90 -3.56 23.65 1.87
C PRO B 90 -2.22 24.22 1.45
N SER B 91 -2.14 25.56 1.49
CA SER B 91 -0.91 26.27 1.09
C SER B 91 0.08 26.22 2.27
N ASP B 92 -0.36 26.22 3.49
CA ASP B 92 0.59 26.28 4.63
C ASP B 92 1.35 24.95 4.64
N PRO B 93 2.69 24.93 4.72
CA PRO B 93 3.42 23.63 4.65
C PRO B 93 3.03 22.63 5.71
N VAL B 94 2.93 23.03 6.97
CA VAL B 94 2.55 22.08 8.04
C VAL B 94 1.16 21.55 7.77
N GLU B 95 0.21 22.40 7.43
CA GLU B 95 -1.14 21.89 7.20
C GLU B 95 -1.18 21.03 5.94
N LYS B 96 -0.35 21.29 4.95
CA LYS B 96 -0.30 20.41 3.76
C LYS B 96 0.20 19.01 4.10
N THR B 97 1.16 18.92 4.98
CA THR B 97 1.67 17.62 5.44
C THR B 97 0.56 16.93 6.21
N ILE B 98 -0.13 17.59 7.13
CA ILE B 98 -1.24 16.94 7.87
C ILE B 98 -2.33 16.48 6.92
N TRP B 99 -2.62 17.30 5.94
CA TRP B 99 -3.59 16.92 4.90
C TRP B 99 -3.11 15.63 4.20
N THR B 100 -1.85 15.59 3.82
CA THR B 100 -1.32 14.38 3.16
C THR B 100 -1.61 13.13 3.96
N PHE B 101 -1.31 13.16 5.24
CA PHE B 101 -1.41 11.96 6.10
C PHE B 101 -2.83 11.63 6.54
N GLY B 102 -3.81 12.39 6.12
CA GLY B 102 -5.23 12.10 6.18
C GLY B 102 -5.79 11.49 4.90
N ARG B 103 -4.96 11.38 3.85
CA ARG B 103 -5.42 10.84 2.57
C ARG B 103 -5.13 9.35 2.49
N PRO B 104 -6.12 8.51 2.15
CA PRO B 104 -5.86 7.10 1.94
C PRO B 104 -5.06 6.93 0.64
N ALA B 105 -4.48 5.75 0.48
CA ALA B 105 -4.05 5.23 -0.84
C ALA B 105 -2.86 6.01 -1.36
N THR B 106 -1.95 6.46 -0.52
CA THR B 106 -0.73 7.17 -0.96
C THR B 106 0.46 6.19 -1.09
N MET B 107 1.46 6.64 -1.83
CA MET B 107 2.76 6.00 -1.86
C MET B 107 3.70 6.85 -1.04
N GLU B 108 4.54 6.22 -0.22
CA GLU B 108 5.69 6.82 0.45
C GLU B 108 6.94 6.30 -0.26
N LEU B 109 7.58 7.15 -1.01
CA LEU B 109 8.79 6.76 -1.77
C LEU B 109 10.01 7.30 -1.07
N THR B 110 10.76 6.44 -0.41
CA THR B 110 11.83 6.86 0.50
C THR B 110 13.17 6.86 -0.21
N HIS B 111 13.76 8.04 -0.31
CA HIS B 111 15.12 8.22 -0.92
C HIS B 111 16.13 8.35 0.22
N PHE B 112 16.99 7.37 0.36
CA PHE B 112 18.17 7.49 1.26
C PHE B 112 19.30 8.17 0.49
N TRP B 113 19.70 9.36 0.94
CA TRP B 113 20.64 10.19 0.16
C TRP B 113 21.89 9.39 -0.20
N GLY B 114 22.33 9.52 -1.45
CA GLY B 114 23.60 8.94 -1.93
C GLY B 114 23.37 7.70 -2.74
N THR B 115 22.27 6.96 -2.61
CA THR B 115 22.10 5.72 -3.38
C THR B 115 22.25 6.01 -4.86
N GLU B 116 21.82 7.17 -5.34
CA GLU B 116 21.83 7.44 -6.79
C GLU B 116 23.24 7.72 -7.29
N ASN B 117 24.21 7.92 -6.40
CA ASN B 117 25.61 8.30 -6.74
C ASN B 117 26.60 7.24 -6.28
N ASP B 118 26.14 6.17 -5.66
CA ASP B 118 27.03 5.18 -5.03
C ASP B 118 27.27 4.09 -6.07
N PRO B 119 28.51 3.93 -6.60
CA PRO B 119 28.75 2.93 -7.64
C PRO B 119 28.60 1.48 -7.15
N GLU B 120 28.61 1.26 -5.82
CA GLU B 120 28.47 -0.05 -5.15
C GLU B 120 27.01 -0.33 -4.72
N PHE B 121 26.09 0.60 -4.93
CA PHE B 121 24.67 0.36 -4.55
C PHE B 121 24.16 -0.73 -5.49
N LYS B 122 23.55 -1.77 -4.88
CA LYS B 122 23.24 -3.06 -5.57
C LYS B 122 21.77 -3.08 -6.04
N GLY B 123 20.94 -2.12 -5.62
CA GLY B 123 19.51 -2.10 -5.98
C GLY B 123 18.66 -2.57 -4.85
N TYR B 124 17.40 -2.18 -4.88
CA TYR B 124 16.35 -2.65 -3.97
C TYR B 124 15.68 -3.90 -4.53
N HIS B 125 15.25 -4.76 -3.61
CA HIS B 125 14.59 -6.04 -3.91
C HIS B 125 13.09 -5.86 -4.02
N ASN B 126 12.49 -6.36 -5.07
CA ASN B 126 11.07 -6.14 -5.32
C ASN B 126 10.12 -7.17 -4.73
N GLY B 127 10.66 -8.22 -4.09
CA GLY B 127 9.81 -9.25 -3.45
C GLY B 127 9.40 -10.39 -4.37
N ASN B 128 9.66 -10.35 -5.65
CA ASN B 128 9.06 -11.31 -6.60
C ASN B 128 10.05 -12.39 -7.06
N SER B 129 11.28 -12.27 -6.63
CA SER B 129 12.32 -13.32 -6.76
C SER B 129 12.80 -13.65 -5.37
N GLU B 130 13.40 -14.83 -5.17
CA GLU B 130 13.74 -15.27 -3.81
C GLU B 130 14.74 -14.32 -3.21
N PRO B 131 14.56 -13.90 -1.94
CA PRO B 131 13.50 -14.37 -1.05
C PRO B 131 12.18 -13.62 -1.31
N ILE B 132 11.13 -14.37 -1.57
CA ILE B 132 9.87 -13.77 -2.06
C ILE B 132 9.07 -13.23 -0.88
N GLY B 133 8.25 -12.21 -1.12
CA GLY B 133 7.41 -11.67 -0.05
C GLY B 133 6.40 -10.71 -0.62
N PHE B 134 6.77 -9.44 -0.58
CA PHE B 134 5.97 -8.35 -1.18
C PHE B 134 5.69 -8.64 -2.66
N GLY B 135 4.48 -8.36 -3.12
CA GLY B 135 4.14 -8.56 -4.53
C GLY B 135 4.18 -7.33 -5.39
N HIS B 136 3.23 -6.45 -5.19
CA HIS B 136 3.02 -5.33 -6.12
C HIS B 136 2.09 -4.32 -5.51
N ILE B 137 2.00 -3.13 -6.14
CA ILE B 137 0.78 -2.30 -6.05
C ILE B 137 0.01 -2.51 -7.32
N GLY B 138 -1.24 -2.10 -7.32
CA GLY B 138 -2.08 -2.21 -8.51
C GLY B 138 -2.97 -1.02 -8.72
N ILE B 139 -3.09 -0.63 -9.96
CA ILE B 139 -3.79 0.61 -10.41
C ILE B 139 -4.98 0.19 -11.24
N THR B 140 -6.17 0.68 -10.88
CA THR B 140 -7.36 0.54 -11.76
C THR B 140 -7.32 1.67 -12.79
N VAL B 141 -7.22 1.28 -14.05
CA VAL B 141 -7.25 2.23 -15.20
C VAL B 141 -8.63 2.18 -15.85
N ASP B 142 -8.84 3.09 -16.78
CA ASP B 142 -10.13 3.19 -17.50
C ASP B 142 -10.26 2.08 -18.54
N ASP B 143 -9.19 1.83 -19.26
CA ASP B 143 -9.19 0.90 -20.40
C ASP B 143 -7.80 0.31 -20.60
N MET B 144 -7.71 -0.99 -20.52
CA MET B 144 -6.37 -1.61 -20.58
C MET B 144 -5.71 -1.37 -21.96
N TYR B 145 -6.44 -1.36 -23.08
CA TYR B 145 -5.81 -1.11 -24.38
C TYR B 145 -5.20 0.29 -24.38
N LYS B 146 -5.97 1.26 -24.01
CA LYS B 146 -5.53 2.67 -24.04
C LYS B 146 -4.37 2.86 -23.09
N ALA B 147 -4.49 2.30 -21.88
CA ALA B 147 -3.45 2.49 -20.87
C ALA B 147 -2.15 1.90 -21.35
N CYS B 148 -2.18 0.72 -21.90
CA CYS B 148 -0.94 0.04 -22.30
C CYS B 148 -0.33 0.67 -23.53
N GLU B 149 -1.16 1.08 -24.47
N GLU B 149 -1.15 1.10 -24.46
CA GLU B 149 -0.64 1.84 -25.65
CA GLU B 149 -0.59 1.78 -25.65
C GLU B 149 0.15 3.07 -25.16
C GLU B 149 0.12 3.08 -25.20
N ARG B 150 -0.45 3.80 -24.24
CA ARG B 150 0.20 5.01 -23.74
C ARG B 150 1.50 4.65 -22.99
N PHE B 151 1.49 3.62 -22.14
CA PHE B 151 2.72 3.17 -21.48
C PHE B 151 3.78 2.86 -22.54
N GLU B 152 3.43 2.14 -23.60
CA GLU B 152 4.43 1.84 -24.65
C GLU B 152 4.98 3.13 -25.26
N SER B 153 4.11 4.07 -25.53
CA SER B 153 4.53 5.36 -26.14
C SER B 153 5.52 6.09 -25.21
N LEU B 154 5.38 5.94 -23.90
CA LEU B 154 6.23 6.64 -22.91
C LEU B 154 7.55 5.92 -22.69
N GLY B 155 7.67 4.70 -23.21
CA GLY B 155 8.87 3.88 -22.97
C GLY B 155 8.87 3.17 -21.63
N VAL B 156 7.71 2.76 -21.17
CA VAL B 156 7.58 2.02 -19.90
C VAL B 156 8.14 0.62 -20.07
N GLU B 157 8.78 0.09 -19.03
CA GLU B 157 9.24 -1.31 -18.93
C GLU B 157 8.11 -2.23 -18.49
N PHE B 158 7.72 -3.21 -19.29
CA PHE B 158 6.73 -4.22 -18.95
C PHE B 158 7.39 -5.48 -18.38
N VAL B 159 6.77 -6.08 -17.37
CA VAL B 159 7.32 -7.32 -16.75
C VAL B 159 7.27 -8.47 -17.77
N THR B 167 -1.17 -8.22 -16.16
CA THR B 167 -0.30 -7.16 -16.78
C THR B 167 0.40 -6.36 -15.68
N PHE B 168 1.71 -6.35 -15.75
CA PHE B 168 2.54 -5.62 -14.78
C PHE B 168 3.51 -4.75 -15.53
N ILE B 169 3.70 -3.53 -15.06
CA ILE B 169 4.80 -2.66 -15.48
C ILE B 169 5.79 -2.59 -14.31
N LYS B 170 6.97 -2.05 -14.55
CA LYS B 170 7.98 -1.92 -13.50
C LYS B 170 8.36 -0.47 -13.31
N ASP B 171 8.45 -0.08 -12.06
CA ASP B 171 8.92 1.28 -11.75
C ASP B 171 10.46 1.28 -11.89
N PRO B 172 11.09 2.46 -11.70
CA PRO B 172 12.54 2.55 -11.97
C PRO B 172 13.44 1.71 -11.07
N ASP B 173 12.95 1.28 -9.92
CA ASP B 173 13.69 0.37 -9.02
C ASP B 173 13.31 -1.09 -9.27
N GLY B 174 12.35 -1.34 -10.11
CA GLY B 174 11.97 -2.74 -10.42
C GLY B 174 10.73 -3.17 -9.65
N TYR B 175 10.09 -2.31 -8.82
CA TYR B 175 8.84 -2.74 -8.14
C TYR B 175 7.79 -2.99 -9.21
N TRP B 176 7.00 -4.02 -9.00
CA TRP B 176 5.89 -4.40 -9.89
C TRP B 176 4.66 -3.56 -9.63
N ILE B 177 4.05 -3.08 -10.69
CA ILE B 177 2.80 -2.29 -10.68
C ILE B 177 1.80 -3.03 -11.56
N GLU B 178 0.80 -3.62 -10.99
CA GLU B 178 -0.28 -4.27 -11.77
C GLU B 178 -1.19 -3.23 -12.38
N ILE B 179 -1.68 -3.48 -13.58
CA ILE B 179 -2.63 -2.63 -14.30
C ILE B 179 -3.83 -3.51 -14.62
N PHE B 180 -5.01 -2.99 -14.37
CA PHE B 180 -6.26 -3.72 -14.70
C PHE B 180 -7.35 -2.67 -14.91
N ASP B 181 -8.36 -3.06 -15.71
CA ASP B 181 -9.60 -2.28 -15.84
C ASP B 181 -10.80 -3.11 -15.34
N LEU B 182 -11.90 -2.46 -15.04
CA LEU B 182 -13.05 -3.20 -14.47
C LEU B 182 -13.63 -4.15 -15.52
N ASN B 183 -13.64 -3.80 -16.79
CA ASN B 183 -14.16 -4.77 -17.80
C ASN B 183 -13.32 -6.03 -17.83
N GLY B 184 -12.00 -5.96 -17.65
CA GLY B 184 -11.13 -7.15 -17.67
C GLY B 184 -11.36 -7.99 -16.43
N ILE B 185 -11.52 -7.33 -15.29
CA ILE B 185 -11.86 -8.02 -14.01
C ILE B 185 -13.16 -8.80 -14.26
N ARG B 186 -14.18 -8.17 -14.81
CA ARG B 186 -15.53 -8.77 -14.96
C ARG B 186 -15.36 -10.02 -15.79
N ALA B 187 -14.64 -9.94 -16.90
CA ALA B 187 -14.40 -11.09 -17.81
C ALA B 187 -13.70 -12.22 -17.06
N ILE B 188 -12.67 -11.95 -16.25
CA ILE B 188 -11.94 -13.01 -15.47
C ILE B 188 -12.93 -13.65 -14.47
N VAL B 189 -13.63 -12.84 -13.67
CA VAL B 189 -14.54 -13.34 -12.60
C VAL B 189 -15.59 -14.26 -13.25
N ASN B 190 -16.03 -13.94 -14.46
CA ASN B 190 -17.06 -14.70 -15.19
C ASN B 190 -16.50 -16.01 -15.76
N THR B 191 -15.24 -16.36 -15.45
CA THR B 191 -14.67 -17.68 -15.82
C THR B 191 -13.91 -18.24 -14.62
#